data_3LTW
#
_entry.id   3LTW
#
_cell.length_a   51.940
_cell.length_b   51.940
_cell.length_c   176.650
_cell.angle_alpha   90.000
_cell.angle_beta   90.000
_cell.angle_gamma   90.000
#
_symmetry.space_group_name_H-M   'P 41 21 2'
#
loop_
_entity.id
_entity.type
_entity.pdbx_description
1 polymer 'Arylamine N-acetyltransferase Nat'
2 non-polymer 1-hydrazinophthalazine
3 non-polymer 'FORMIC ACID'
4 water water
#
_entity_poly.entity_id   1
_entity_poly.type   'polypeptide(L)'
_entity_poly.pdbx_seq_one_letter_code
;MALDLTGYLDRINYRGATDPTLDVLRDLVSAHTGAIAFENLDPLMGVPVDDLSAEALADKLVDRRRGGYCYEHNGLIGYV
LAELGYRVRRLAGRVVWLAPPDAPTPAQTHTVLAVTFPGCQGPYLVDVGFGGMTPTAPLRLETGTVQQTALEPYRLDDRG
DGLVLQAMVRDEWQALYEFSTLTRPQVDLRVGSWFVSTHPTSHFVTGLMAATVADDARWNLMGRNLAIHRRGGTEKILLE
DAAAVVDTLGDRFGINVADVGERGRLEARIDKVCFGAENR
;
_entity_poly.pdbx_strand_id   A
#
# COMPACT_ATOMS: atom_id res chain seq x y z
N ASP A 4 14.29 17.07 0.62
CA ASP A 4 13.33 16.00 1.01
C ASP A 4 13.66 14.65 0.38
N LEU A 5 14.22 14.68 -0.83
CA LEU A 5 14.57 13.46 -1.58
C LEU A 5 15.54 12.56 -0.82
N THR A 6 16.57 13.18 -0.23
CA THR A 6 17.58 12.46 0.55
C THR A 6 16.98 11.73 1.75
N GLY A 7 16.14 12.43 2.51
CA GLY A 7 15.47 11.86 3.67
C GLY A 7 14.69 10.61 3.32
N TYR A 8 13.98 10.65 2.19
CA TYR A 8 13.21 9.52 1.70
C TYR A 8 14.11 8.34 1.33
N LEU A 9 15.18 8.60 0.58
CA LEU A 9 16.08 7.55 0.12
C LEU A 9 16.82 6.85 1.25
N ASP A 10 17.14 7.60 2.30
CA ASP A 10 17.75 7.05 3.52
C ASP A 10 16.74 6.20 4.30
N ARG A 11 15.50 6.66 4.35
CA ARG A 11 14.41 5.95 5.03
C ARG A 11 14.16 4.56 4.42
N ILE A 12 14.19 4.48 3.09
CA ILE A 12 13.97 3.20 2.40
C ILE A 12 15.27 2.44 2.18
N ASN A 13 16.38 2.99 2.69
CA ASN A 13 17.72 2.40 2.57
C ASN A 13 18.14 2.13 1.12
N TYR A 14 17.87 3.10 0.26
CA TYR A 14 18.25 3.03 -1.15
C TYR A 14 19.64 3.62 -1.36
N ARG A 15 20.45 2.94 -2.17
CA ARG A 15 21.85 3.35 -2.38
C ARG A 15 22.24 3.47 -3.87
N GLY A 16 21.37 2.97 -4.75
CA GLY A 16 21.67 2.94 -6.19
C GLY A 16 21.59 4.28 -6.91
N ALA A 17 21.55 4.21 -8.24
CA ALA A 17 21.45 5.40 -9.10
C ALA A 17 20.07 6.04 -9.03
N THR A 18 19.98 7.30 -9.45
CA THR A 18 18.74 8.07 -9.35
C THR A 18 18.19 8.58 -10.69
N ASP A 19 18.70 8.02 -11.80
CA ASP A 19 18.23 8.38 -13.13
C ASP A 19 16.88 7.72 -13.42
N PRO A 20 16.00 8.42 -14.18
CA PRO A 20 14.67 7.88 -14.47
C PRO A 20 14.70 6.70 -15.47
N THR A 21 15.00 5.50 -14.96
CA THR A 21 15.07 4.29 -15.77
C THR A 21 14.18 3.17 -15.20
N LEU A 22 14.11 2.06 -15.93
CA LEU A 22 13.33 0.89 -15.51
C LEU A 22 13.95 0.19 -14.30
N ASP A 23 15.28 0.05 -14.31
CA ASP A 23 16.02 -0.59 -13.22
C ASP A 23 15.90 0.17 -11.91
N VAL A 24 15.99 1.50 -11.99
CA VAL A 24 15.84 2.36 -10.83
C VAL A 24 14.42 2.29 -10.26
N LEU A 25 13.43 2.28 -11.16
CA LEU A 25 12.03 2.14 -10.76
C LEU A 25 11.79 0.82 -10.02
N ARG A 26 12.37 -0.26 -10.53
CA ARG A 26 12.32 -1.57 -9.89
C ARG A 26 12.96 -1.55 -8.51
N ASP A 27 14.17 -1.01 -8.44
CA ASP A 27 14.93 -0.94 -7.20
C ASP A 27 14.29 -0.04 -6.15
N LEU A 28 13.62 1.03 -6.59
CA LEU A 28 12.92 1.94 -5.68
C LEU A 28 11.66 1.30 -5.09
N VAL A 29 10.86 0.66 -5.95
CA VAL A 29 9.65 -0.06 -5.51
C VAL A 29 9.99 -1.18 -4.53
N SER A 30 11.07 -1.90 -4.81
N SER A 30 11.07 -1.91 -4.80
CA SER A 30 11.56 -2.98 -3.94
CA SER A 30 11.55 -2.98 -3.93
C SER A 30 12.00 -2.45 -2.58
C SER A 30 12.00 -2.45 -2.56
N ALA A 31 12.76 -1.36 -2.57
CA ALA A 31 13.24 -0.73 -1.33
C ALA A 31 12.10 -0.12 -0.52
N HIS A 32 11.16 0.53 -1.20
CA HIS A 32 10.00 1.15 -0.55
C HIS A 32 9.10 0.12 0.15
N THR A 33 8.73 -0.94 -0.57
CA THR A 33 7.83 -1.97 -0.05
C THR A 33 8.44 -2.79 1.08
N GLY A 34 9.77 -2.86 1.11
CA GLY A 34 10.49 -3.59 2.14
C GLY A 34 10.78 -2.76 3.39
N ALA A 35 10.62 -1.44 3.28
CA ALA A 35 11.00 -0.53 4.37
C ALA A 35 9.84 0.19 5.06
N ILE A 36 8.84 0.60 4.30
CA ILE A 36 7.71 1.34 4.85
C ILE A 36 6.44 0.49 4.89
N ALA A 37 6.02 0.14 6.11
CA ALA A 37 4.85 -0.71 6.32
C ALA A 37 3.55 -0.05 5.87
N PHE A 38 2.59 -0.89 5.51
CA PHE A 38 1.19 -0.47 5.38
C PHE A 38 0.60 -0.53 6.79
N GLU A 39 -0.13 0.52 7.16
CA GLU A 39 -0.84 0.55 8.45
C GLU A 39 -1.95 1.59 8.44
N ASN A 40 -2.93 1.39 9.31
CA ASN A 40 -4.08 2.29 9.43
C ASN A 40 -4.26 2.80 10.86
N LEU A 41 -3.15 3.00 11.57
CA LEU A 41 -3.20 3.42 12.97
C LEU A 41 -3.88 4.76 13.17
N ASP A 42 -3.73 5.67 12.20
CA ASP A 42 -4.40 6.97 12.26
C ASP A 42 -5.93 6.85 12.20
N PRO A 43 -6.50 6.28 11.12
CA PRO A 43 -7.95 6.08 11.07
C PRO A 43 -8.52 5.28 12.23
N LEU A 44 -7.78 4.27 12.70
CA LEU A 44 -8.19 3.44 13.85
C LEU A 44 -8.32 4.27 15.12
N MET A 45 -7.41 5.24 15.29
CA MET A 45 -7.39 6.11 16.46
C MET A 45 -8.24 7.37 16.29
N GLY A 46 -8.99 7.44 15.19
CA GLY A 46 -9.88 8.58 14.93
C GLY A 46 -9.17 9.78 14.32
N VAL A 47 -7.97 9.53 13.76
CA VAL A 47 -7.21 10.57 13.07
C VAL A 47 -7.36 10.39 11.55
N PRO A 48 -8.03 11.34 10.87
CA PRO A 48 -8.25 11.26 9.43
C PRO A 48 -6.96 11.39 8.60
N VAL A 49 -6.99 10.82 7.40
CA VAL A 49 -5.95 11.04 6.41
C VAL A 49 -6.55 11.96 5.34
N ASP A 50 -6.28 13.25 5.49
N ASP A 50 -6.31 13.27 5.48
CA ASP A 50 -6.89 14.29 4.68
CA ASP A 50 -6.89 14.24 4.56
C ASP A 50 -5.85 15.03 3.83
C ASP A 50 -5.92 15.28 3.99
N ASP A 51 -4.66 15.20 4.41
CA ASP A 51 -3.60 16.02 3.80
C ASP A 51 -2.66 15.13 2.98
N LEU A 52 -2.78 15.21 1.66
CA LEU A 52 -2.03 14.37 0.74
C LEU A 52 -0.90 15.11 0.00
N SER A 53 -0.49 16.24 0.54
CA SER A 53 0.62 17.02 -0.02
C SER A 53 1.95 16.31 0.22
N ALA A 54 2.97 16.69 -0.55
CA ALA A 54 4.32 16.13 -0.41
C ALA A 54 4.88 16.34 0.99
N GLU A 55 4.65 17.51 1.56
CA GLU A 55 5.16 17.88 2.88
C GLU A 55 4.57 17.03 4.01
N ALA A 56 3.25 16.85 3.98
CA ALA A 56 2.55 16.10 5.03
C ALA A 56 2.88 14.61 5.01
N LEU A 57 2.97 14.04 3.81
CA LEU A 57 3.24 12.62 3.66
C LEU A 57 4.70 12.26 4.00
N ALA A 58 5.63 13.15 3.62
CA ALA A 58 7.04 12.98 3.97
C ALA A 58 7.28 13.17 5.47
N ASP A 59 6.53 14.09 6.08
CA ASP A 59 6.59 14.31 7.53
C ASP A 59 6.24 13.03 8.28
N LYS A 60 5.14 12.38 7.88
CA LYS A 60 4.66 11.17 8.55
C LYS A 60 5.47 9.93 8.20
N LEU A 61 5.55 9.61 6.91
CA LEU A 61 6.14 8.35 6.45
C LEU A 61 7.67 8.31 6.47
N VAL A 62 8.32 9.48 6.46
CA VAL A 62 9.77 9.54 6.48
C VAL A 62 10.31 10.03 7.83
N ASP A 63 9.99 11.27 8.19
CA ASP A 63 10.55 11.91 9.38
C ASP A 63 10.09 11.26 10.69
N ARG A 64 8.81 10.89 10.74
CA ARG A 64 8.22 10.32 11.94
C ARG A 64 8.28 8.79 11.97
N ARG A 65 8.80 8.20 10.89
CA ARG A 65 8.99 6.75 10.76
C ARG A 65 7.70 5.95 10.96
N ARG A 66 6.60 6.47 10.41
CA ARG A 66 5.32 5.79 10.42
C ARG A 66 5.07 5.11 9.08
N GLY A 67 4.06 4.26 9.04
CA GLY A 67 3.56 3.71 7.78
C GLY A 67 2.33 4.49 7.34
N GLY A 68 1.54 3.89 6.46
CA GLY A 68 0.29 4.50 6.00
C GLY A 68 -0.47 3.57 5.08
N TYR A 69 -1.55 4.08 4.47
CA TYR A 69 -2.26 3.30 3.46
C TYR A 69 -2.06 3.82 2.03
N CYS A 70 -2.91 3.37 1.10
CA CYS A 70 -2.72 3.59 -0.33
C CYS A 70 -2.48 5.04 -0.75
N TYR A 71 -3.31 5.95 -0.23
CA TYR A 71 -3.19 7.37 -0.54
C TYR A 71 -1.86 7.95 -0.06
N GLU A 72 -1.37 7.41 1.06
CA GLU A 72 -0.12 7.87 1.65
C GLU A 72 1.11 7.28 0.97
N HIS A 73 1.05 5.99 0.66
CA HIS A 73 2.16 5.29 0.01
C HIS A 73 2.36 5.73 -1.44
N ASN A 74 1.30 5.65 -2.24
CA ASN A 74 1.37 6.01 -3.65
C ASN A 74 1.43 7.52 -3.87
N GLY A 75 0.95 8.28 -2.88
CA GLY A 75 1.14 9.72 -2.85
C GLY A 75 2.61 10.07 -2.73
N LEU A 76 3.27 9.52 -1.72
CA LEU A 76 4.68 9.79 -1.45
C LEU A 76 5.61 9.36 -2.58
N ILE A 77 5.52 8.10 -3.01
CA ILE A 77 6.37 7.59 -4.09
C ILE A 77 6.11 8.32 -5.41
N GLY A 78 4.86 8.75 -5.61
CA GLY A 78 4.48 9.55 -6.77
C GLY A 78 5.21 10.88 -6.85
N TYR A 79 5.36 11.53 -5.70
CA TYR A 79 6.11 12.79 -5.61
C TYR A 79 7.60 12.57 -5.83
N VAL A 80 8.13 11.48 -5.27
CA VAL A 80 9.54 11.12 -5.42
C VAL A 80 9.88 10.85 -6.88
N LEU A 81 9.07 10.03 -7.55
CA LEU A 81 9.30 9.68 -8.95
C LEU A 81 9.24 10.90 -9.87
N ALA A 82 8.28 11.80 -9.60
CA ALA A 82 8.15 13.04 -10.36
C ALA A 82 9.41 13.91 -10.26
N GLU A 83 9.97 13.98 -9.06
CA GLU A 83 11.20 14.73 -8.81
C GLU A 83 12.41 14.15 -9.54
N LEU A 84 12.42 12.82 -9.71
CA LEU A 84 13.52 12.12 -10.36
C LEU A 84 13.45 12.19 -11.89
N GLY A 85 12.31 12.60 -12.42
CA GLY A 85 12.14 12.78 -13.87
C GLY A 85 11.13 11.85 -14.53
N TYR A 86 10.47 11.02 -13.72
CA TYR A 86 9.40 10.15 -14.21
C TYR A 86 8.14 10.98 -14.44
N ARG A 87 7.36 10.61 -15.46
CA ARG A 87 6.04 11.19 -15.65
C ARG A 87 5.02 10.34 -14.89
N VAL A 88 4.32 10.98 -13.96
CA VAL A 88 3.42 10.28 -13.04
C VAL A 88 1.98 10.75 -13.21
N ARG A 89 1.08 9.81 -13.48
CA ARG A 89 -0.35 10.07 -13.50
C ARG A 89 -1.05 9.29 -12.38
N ARG A 90 -1.84 10.00 -11.58
CA ARG A 90 -2.53 9.39 -10.45
C ARG A 90 -3.91 8.88 -10.86
N LEU A 91 -4.18 7.62 -10.56
CA LEU A 91 -5.42 6.95 -10.95
C LEU A 91 -6.25 6.56 -9.73
N ALA A 92 -7.54 6.29 -9.94
CA ALA A 92 -8.44 5.84 -8.88
C ALA A 92 -8.95 4.43 -9.16
N GLY A 93 -9.17 3.66 -8.10
CA GLY A 93 -9.62 2.27 -8.22
C GLY A 93 -10.66 1.83 -7.21
N ARG A 94 -11.38 0.76 -7.58
CA ARG A 94 -12.37 0.14 -6.70
C ARG A 94 -11.88 -1.25 -6.31
N VAL A 95 -11.85 -1.53 -5.02
CA VAL A 95 -11.29 -2.79 -4.51
C VAL A 95 -12.33 -3.93 -4.53
N VAL A 96 -11.99 -5.02 -5.21
CA VAL A 96 -12.88 -6.18 -5.37
C VAL A 96 -12.30 -7.47 -4.79
N TRP A 97 -11.28 -7.36 -3.94
CA TRP A 97 -10.56 -8.51 -3.40
C TRP A 97 -11.46 -9.46 -2.59
N LEU A 98 -11.43 -10.73 -2.97
CA LEU A 98 -12.24 -11.81 -2.38
C LEU A 98 -13.75 -11.73 -2.67
N ALA A 99 -14.17 -10.70 -3.40
CA ALA A 99 -15.57 -10.52 -3.75
C ALA A 99 -15.91 -11.25 -5.06
N PRO A 100 -17.12 -11.85 -5.13
CA PRO A 100 -17.61 -12.45 -6.37
C PRO A 100 -17.96 -11.38 -7.41
N PRO A 101 -18.07 -11.76 -8.70
CA PRO A 101 -18.40 -10.79 -9.75
C PRO A 101 -19.75 -10.10 -9.59
N ASP A 102 -20.68 -10.74 -8.87
CA ASP A 102 -22.02 -10.16 -8.67
C ASP A 102 -22.16 -9.36 -7.37
N ALA A 103 -21.03 -9.07 -6.73
CA ALA A 103 -20.98 -8.20 -5.56
C ALA A 103 -21.36 -6.77 -5.94
N PRO A 104 -21.89 -5.98 -4.99
CA PRO A 104 -22.24 -4.59 -5.28
C PRO A 104 -21.01 -3.74 -5.62
N THR A 105 -21.17 -2.79 -6.53
CA THR A 105 -20.09 -1.91 -6.96
C THR A 105 -19.42 -1.23 -5.76
N PRO A 106 -18.11 -1.45 -5.58
CA PRO A 106 -17.37 -0.86 -4.46
C PRO A 106 -17.07 0.61 -4.69
N ALA A 107 -16.85 1.35 -3.60
CA ALA A 107 -16.45 2.75 -3.68
C ALA A 107 -15.04 2.90 -4.25
N GLN A 108 -14.75 4.06 -4.83
CA GLN A 108 -13.41 4.37 -5.31
C GLN A 108 -12.54 4.82 -4.14
N THR A 109 -11.92 3.85 -3.47
CA THR A 109 -11.12 4.12 -2.26
C THR A 109 -9.66 3.70 -2.40
N HIS A 110 -9.25 3.36 -3.62
CA HIS A 110 -7.85 3.01 -3.89
C HIS A 110 -7.26 3.98 -4.91
N THR A 111 -5.95 4.20 -4.82
CA THR A 111 -5.23 5.01 -5.78
C THR A 111 -3.93 4.35 -6.24
N VAL A 112 -3.69 4.35 -7.54
CA VAL A 112 -2.49 3.77 -8.15
C VAL A 112 -1.84 4.76 -9.10
N LEU A 113 -0.65 4.40 -9.61
CA LEU A 113 0.10 5.29 -10.47
C LEU A 113 0.41 4.69 -11.83
N ALA A 114 0.25 5.50 -12.88
CA ALA A 114 0.72 5.16 -14.22
C ALA A 114 2.00 5.95 -14.47
N VAL A 115 3.09 5.24 -14.75
CA VAL A 115 4.42 5.83 -14.80
C VAL A 115 5.12 5.60 -16.15
N THR A 116 5.66 6.68 -16.70
CA THR A 116 6.51 6.60 -17.89
C THR A 116 7.85 7.31 -17.61
N PHE A 117 8.85 6.99 -18.42
CA PHE A 117 10.19 7.55 -18.28
C PHE A 117 10.89 7.59 -19.64
N PRO A 118 11.96 8.40 -19.78
CA PRO A 118 12.69 8.47 -21.05
C PRO A 118 13.14 7.10 -21.56
N GLY A 119 12.65 6.73 -22.74
CA GLY A 119 13.06 5.49 -23.40
C GLY A 119 12.21 4.27 -23.12
N CYS A 120 11.14 4.46 -22.34
CA CYS A 120 10.24 3.35 -21.99
C CYS A 120 9.42 2.87 -23.18
N GLN A 121 9.25 1.56 -23.27
CA GLN A 121 8.47 0.95 -24.35
C GLN A 121 6.97 1.11 -24.11
N GLY A 122 6.59 1.34 -22.85
CA GLY A 122 5.20 1.57 -22.48
C GLY A 122 5.03 2.06 -21.05
N PRO A 123 3.79 2.41 -20.66
CA PRO A 123 3.50 2.83 -19.30
C PRO A 123 3.58 1.69 -18.29
N TYR A 124 3.88 2.02 -17.04
CA TYR A 124 3.98 1.04 -15.98
C TYR A 124 3.06 1.35 -14.81
N LEU A 125 2.44 0.31 -14.27
CA LEU A 125 1.63 0.44 -13.06
C LEU A 125 2.53 0.35 -11.83
N VAL A 126 2.42 1.35 -10.96
CA VAL A 126 3.13 1.35 -9.69
C VAL A 126 2.11 1.44 -8.56
N ASP A 127 2.13 0.44 -7.69
CA ASP A 127 1.26 0.39 -6.53
C ASP A 127 2.02 -0.19 -5.33
N VAL A 128 2.37 0.69 -4.39
CA VAL A 128 3.08 0.29 -3.17
C VAL A 128 2.19 0.49 -1.93
N GLY A 129 0.89 0.67 -2.16
CA GLY A 129 -0.05 0.97 -1.08
C GLY A 129 -1.23 0.02 -0.91
N PHE A 130 -1.24 -1.09 -1.65
CA PHE A 130 -2.30 -2.07 -1.52
C PHE A 130 -1.97 -3.11 -0.45
N GLY A 131 -2.08 -2.70 0.81
CA GLY A 131 -1.71 -3.54 1.95
C GLY A 131 -2.21 -4.96 1.92
N GLY A 132 -1.29 -5.90 2.08
CA GLY A 132 -1.60 -7.31 2.03
C GLY A 132 -1.14 -7.97 0.75
N MET A 133 -1.40 -7.30 -0.38
CA MET A 133 -1.11 -7.87 -1.70
C MET A 133 -0.51 -6.88 -2.71
N THR A 134 0.17 -5.86 -2.22
CA THR A 134 0.75 -4.85 -3.10
C THR A 134 1.89 -5.44 -3.94
N PRO A 135 1.89 -5.18 -5.27
CA PRO A 135 2.97 -5.67 -6.12
C PRO A 135 4.29 -5.00 -5.78
N THR A 136 5.32 -5.81 -5.55
CA THR A 136 6.63 -5.30 -5.14
C THR A 136 7.53 -5.01 -6.34
N ALA A 137 6.90 -4.92 -7.51
CA ALA A 137 7.57 -4.53 -8.74
C ALA A 137 6.66 -3.64 -9.57
N PRO A 138 7.23 -2.73 -10.38
CA PRO A 138 6.42 -2.04 -11.38
C PRO A 138 5.95 -3.05 -12.43
N LEU A 139 4.68 -2.96 -12.80
CA LEU A 139 4.10 -3.90 -13.76
C LEU A 139 3.80 -3.20 -15.08
N ARG A 140 4.13 -3.87 -16.18
CA ARG A 140 3.78 -3.40 -17.52
C ARG A 140 2.28 -3.16 -17.56
N LEU A 141 1.88 -1.95 -17.96
CA LEU A 141 0.46 -1.62 -18.07
C LEU A 141 -0.09 -2.16 -19.38
N GLU A 142 -0.16 -3.49 -19.46
CA GLU A 142 -0.63 -4.21 -20.63
C GLU A 142 -1.45 -5.43 -20.23
N THR A 143 -2.45 -5.75 -21.05
CA THR A 143 -3.40 -6.83 -20.75
C THR A 143 -2.95 -8.19 -21.28
N GLY A 144 -3.29 -9.25 -20.54
CA GLY A 144 -3.06 -10.62 -20.98
C GLY A 144 -1.78 -11.27 -20.47
N THR A 145 -0.73 -10.47 -20.31
CA THR A 145 0.58 -10.98 -19.94
C THR A 145 0.68 -11.33 -18.45
N VAL A 146 1.21 -12.52 -18.17
CA VAL A 146 1.49 -12.94 -16.80
C VAL A 146 2.83 -12.32 -16.37
N GLN A 147 2.79 -11.58 -15.26
CA GLN A 147 3.97 -10.88 -14.77
C GLN A 147 4.40 -11.37 -13.39
N GLN A 148 5.42 -12.22 -13.38
CA GLN A 148 5.95 -12.79 -12.14
C GLN A 148 6.80 -11.78 -11.40
N THR A 149 6.55 -11.63 -10.10
CA THR A 149 7.35 -10.76 -9.23
C THR A 149 8.25 -11.59 -8.32
N ALA A 150 8.85 -10.96 -7.32
CA ALA A 150 9.63 -11.64 -6.29
C ALA A 150 8.73 -12.51 -5.40
N LEU A 151 7.43 -12.23 -5.44
CA LEU A 151 6.45 -12.99 -4.67
C LEU A 151 5.43 -13.65 -5.63
N GLU A 152 4.19 -13.17 -5.61
CA GLU A 152 3.13 -13.73 -6.46
C GLU A 152 3.23 -13.23 -7.90
N PRO A 153 2.70 -14.01 -8.86
CA PRO A 153 2.54 -13.47 -10.22
C PRO A 153 1.29 -12.59 -10.34
N TYR A 154 1.35 -11.62 -11.24
CA TYR A 154 0.24 -10.68 -11.46
C TYR A 154 -0.19 -10.67 -12.92
N ARG A 155 -1.42 -10.23 -13.17
CA ARG A 155 -1.96 -10.14 -14.52
C ARG A 155 -3.00 -9.03 -14.59
N LEU A 156 -2.93 -8.25 -15.67
CA LEU A 156 -3.94 -7.22 -15.95
C LEU A 156 -4.87 -7.69 -17.06
N ASP A 157 -6.14 -7.37 -16.93
CA ASP A 157 -7.14 -7.72 -17.93
C ASP A 157 -8.10 -6.55 -18.18
N ASP A 158 -8.63 -6.48 -19.39
CA ASP A 158 -9.53 -5.41 -19.79
C ASP A 158 -10.95 -5.69 -19.31
N ARG A 159 -11.44 -4.84 -18.40
CA ARG A 159 -12.78 -5.00 -17.82
C ARG A 159 -13.65 -3.78 -18.06
N GLY A 160 -14.47 -3.84 -19.11
CA GLY A 160 -15.36 -2.74 -19.48
C GLY A 160 -14.63 -1.54 -20.04
N ASP A 161 -14.81 -0.40 -19.38
CA ASP A 161 -14.16 0.85 -19.78
C ASP A 161 -12.82 1.07 -19.06
N GLY A 162 -12.40 0.07 -18.29
CA GLY A 162 -11.14 0.15 -17.53
C GLY A 162 -10.38 -1.16 -17.50
N LEU A 163 -9.57 -1.34 -16.46
CA LEU A 163 -8.76 -2.55 -16.29
C LEU A 163 -8.98 -3.17 -14.91
N VAL A 164 -8.59 -4.44 -14.77
CA VAL A 164 -8.61 -5.12 -13.48
C VAL A 164 -7.26 -5.80 -13.21
N LEU A 165 -6.68 -5.54 -12.03
CA LEU A 165 -5.46 -6.22 -11.62
C LEU A 165 -5.80 -7.50 -10.87
N GLN A 166 -5.17 -8.59 -11.31
CA GLN A 166 -5.36 -9.89 -10.69
C GLN A 166 -4.03 -10.47 -10.22
N ALA A 167 -4.08 -11.34 -9.21
CA ALA A 167 -2.90 -12.00 -8.68
C ALA A 167 -3.18 -13.44 -8.30
N MET A 168 -2.18 -14.31 -8.51
CA MET A 168 -2.27 -15.70 -8.11
C MET A 168 -2.02 -15.84 -6.61
N VAL A 169 -3.11 -15.96 -5.85
CA VAL A 169 -3.05 -16.19 -4.42
C VAL A 169 -3.46 -17.62 -4.15
N ARG A 170 -2.60 -18.36 -3.45
CA ARG A 170 -2.76 -19.80 -3.24
C ARG A 170 -2.83 -20.57 -4.57
N ASP A 171 -4.03 -21.04 -4.92
CA ASP A 171 -4.20 -21.88 -6.10
C ASP A 171 -5.06 -21.26 -7.21
N GLU A 172 -5.51 -20.03 -7.02
CA GLU A 172 -6.36 -19.37 -8.02
C GLU A 172 -6.07 -17.89 -8.27
N TRP A 173 -6.42 -17.42 -9.47
CA TRP A 173 -6.32 -16.01 -9.83
C TRP A 173 -7.41 -15.20 -9.13
N GLN A 174 -6.98 -14.25 -8.30
CA GLN A 174 -7.89 -13.40 -7.53
C GLN A 174 -7.87 -11.98 -8.06
N ALA A 175 -9.04 -11.43 -8.35
CA ALA A 175 -9.17 -10.03 -8.74
C ALA A 175 -8.96 -9.14 -7.52
N LEU A 176 -7.99 -8.24 -7.60
CA LEU A 176 -7.64 -7.36 -6.48
C LEU A 176 -8.41 -6.04 -6.53
N TYR A 177 -8.27 -5.32 -7.65
CA TYR A 177 -9.00 -4.07 -7.85
C TYR A 177 -9.17 -3.74 -9.34
N GLU A 178 -10.26 -3.04 -9.64
CA GLU A 178 -10.49 -2.52 -10.99
C GLU A 178 -10.28 -1.02 -11.01
N PHE A 179 -9.70 -0.51 -12.09
CA PHE A 179 -9.36 0.90 -12.18
C PHE A 179 -9.43 1.46 -13.61
N SER A 180 -9.70 2.75 -13.70
CA SER A 180 -9.67 3.49 -14.96
C SER A 180 -8.27 4.08 -15.14
N THR A 181 -7.84 4.20 -16.40
CA THR A 181 -6.53 4.78 -16.72
C THR A 181 -6.59 6.29 -16.91
N LEU A 182 -7.76 6.87 -16.64
CA LEU A 182 -7.95 8.33 -16.71
C LEU A 182 -7.33 9.01 -15.48
N THR A 183 -6.63 10.11 -15.72
CA THR A 183 -6.02 10.90 -14.66
C THR A 183 -7.09 11.49 -13.74
N ARG A 184 -6.90 11.32 -12.44
CA ARG A 184 -7.80 11.90 -11.45
C ARG A 184 -7.12 13.05 -10.71
N PRO A 185 -7.81 14.21 -10.61
CA PRO A 185 -7.29 15.36 -9.87
C PRO A 185 -7.08 15.06 -8.39
N GLN A 186 -6.15 15.78 -7.77
CA GLN A 186 -5.78 15.58 -6.37
C GLN A 186 -6.97 15.65 -5.42
N VAL A 187 -7.91 16.56 -5.70
CA VAL A 187 -9.09 16.77 -4.85
C VAL A 187 -9.99 15.52 -4.78
N ASP A 188 -10.11 14.78 -5.88
CA ASP A 188 -10.86 13.53 -5.93
C ASP A 188 -10.24 12.48 -5.01
N LEU A 189 -8.91 12.47 -4.93
CA LEU A 189 -8.18 11.54 -4.08
C LEU A 189 -8.36 11.89 -2.60
N ARG A 190 -8.42 13.18 -2.31
CA ARG A 190 -8.69 13.67 -0.96
C ARG A 190 -10.08 13.25 -0.48
N VAL A 191 -11.06 13.34 -1.39
CA VAL A 191 -12.45 12.94 -1.12
C VAL A 191 -12.54 11.44 -0.79
N GLY A 192 -11.81 10.63 -1.55
CA GLY A 192 -11.76 9.19 -1.33
C GLY A 192 -11.07 8.82 -0.03
N SER A 193 -9.94 9.48 0.24
CA SER A 193 -9.16 9.24 1.46
C SER A 193 -9.93 9.65 2.71
N TRP A 194 -10.67 10.75 2.62
CA TRP A 194 -11.53 11.19 3.72
C TRP A 194 -12.58 10.12 4.04
N PHE A 195 -13.24 9.60 3.00
CA PHE A 195 -14.27 8.57 3.17
C PHE A 195 -13.72 7.32 3.87
N VAL A 196 -12.61 6.81 3.38
CA VAL A 196 -12.06 5.55 3.85
C VAL A 196 -11.37 5.67 5.23
N SER A 197 -11.06 6.90 5.64
CA SER A 197 -10.42 7.15 6.94
C SER A 197 -11.36 7.69 8.03
N THR A 198 -12.60 8.04 7.65
CA THR A 198 -13.54 8.64 8.60
C THR A 198 -14.91 7.96 8.70
N HIS A 199 -15.33 7.27 7.64
CA HIS A 199 -16.65 6.63 7.63
C HIS A 199 -16.74 5.47 8.61
N PRO A 200 -17.79 5.46 9.46
CA PRO A 200 -17.99 4.42 10.50
C PRO A 200 -17.99 2.99 9.98
N THR A 201 -18.31 2.80 8.70
CA THR A 201 -18.38 1.45 8.10
C THR A 201 -17.05 0.97 7.51
N SER A 202 -16.13 1.91 7.29
CA SER A 202 -14.82 1.59 6.70
C SER A 202 -14.05 0.57 7.53
N HIS A 203 -13.43 -0.38 6.83
CA HIS A 203 -12.63 -1.43 7.47
C HIS A 203 -11.37 -0.86 8.15
N PHE A 204 -10.96 0.33 7.72
CA PHE A 204 -9.81 1.01 8.31
C PHE A 204 -10.15 1.82 9.55
N VAL A 205 -11.46 1.98 9.80
CA VAL A 205 -11.95 2.63 11.02
C VAL A 205 -12.32 1.58 12.07
N THR A 206 -12.96 0.49 11.62
CA THR A 206 -13.47 -0.55 12.51
C THR A 206 -12.44 -1.57 12.96
N GLY A 207 -11.35 -1.70 12.20
CA GLY A 207 -10.33 -2.71 12.47
C GLY A 207 -8.90 -2.28 12.26
N LEU A 208 -7.98 -3.19 12.56
CA LEU A 208 -6.55 -2.95 12.39
C LEU A 208 -5.97 -3.78 11.24
N MET A 209 -5.21 -3.12 10.38
CA MET A 209 -4.49 -3.81 9.31
C MET A 209 -3.07 -3.28 9.15
N ALA A 210 -2.11 -4.21 9.11
CA ALA A 210 -0.71 -3.88 8.87
C ALA A 210 -0.09 -4.90 7.93
N ALA A 211 0.82 -4.43 7.07
CA ALA A 211 1.48 -5.29 6.09
C ALA A 211 2.88 -4.83 5.73
N THR A 212 3.80 -5.79 5.58
CA THR A 212 5.15 -5.52 5.08
C THR A 212 5.70 -6.72 4.31
N VAL A 213 6.84 -6.51 3.66
CA VAL A 213 7.54 -7.56 2.93
C VAL A 213 9.00 -7.61 3.40
N ALA A 214 9.46 -8.80 3.78
CA ALA A 214 10.84 -9.00 4.20
C ALA A 214 11.27 -10.47 4.16
N ASP A 215 11.80 -10.94 3.04
CA ASP A 215 11.86 -10.21 1.77
C ASP A 215 11.28 -11.12 0.68
N ASP A 216 11.36 -12.43 0.93
CA ASP A 216 10.72 -13.44 0.10
C ASP A 216 9.41 -13.89 0.77
N ALA A 217 8.92 -13.09 1.71
CA ALA A 217 7.72 -13.40 2.47
C ALA A 217 6.86 -12.16 2.71
N ARG A 218 5.56 -12.39 2.87
CA ARG A 218 4.61 -11.33 3.23
C ARG A 218 4.19 -11.46 4.70
N TRP A 219 4.34 -10.38 5.45
CA TRP A 219 3.87 -10.30 6.82
C TRP A 219 2.56 -9.51 6.85
N ASN A 220 1.44 -10.20 7.03
CA ASN A 220 0.12 -9.58 7.05
C ASN A 220 -0.55 -9.69 8.41
N LEU A 221 -1.08 -8.56 8.90
CA LEU A 221 -1.75 -8.52 10.19
C LEU A 221 -3.18 -8.00 10.06
N MET A 222 -4.14 -8.84 10.43
CA MET A 222 -5.54 -8.45 10.51
C MET A 222 -6.01 -8.57 11.95
N GLY A 223 -5.99 -7.45 12.67
CA GLY A 223 -6.32 -7.42 14.10
C GLY A 223 -5.26 -8.14 14.91
N ARG A 224 -5.67 -9.23 15.56
CA ARG A 224 -4.77 -10.06 16.36
C ARG A 224 -4.27 -11.27 15.57
N ASN A 225 -4.67 -11.34 14.30
CA ASN A 225 -4.32 -12.45 13.43
C ASN A 225 -3.11 -12.12 12.54
N LEU A 226 -1.96 -12.68 12.89
CA LEU A 226 -0.74 -12.48 12.12
C LEU A 226 -0.53 -13.66 11.17
N ALA A 227 -0.29 -13.35 9.91
CA ALA A 227 -0.04 -14.37 8.88
C ALA A 227 1.26 -14.10 8.14
N ILE A 228 2.10 -15.13 8.05
CA ILE A 228 3.36 -15.04 7.31
C ILE A 228 3.27 -15.93 6.06
N HIS A 229 3.12 -15.28 4.91
CA HIS A 229 2.98 -15.99 3.64
C HIS A 229 4.33 -16.14 2.94
N ARG A 230 4.76 -17.39 2.77
CA ARG A 230 5.99 -17.71 2.06
C ARG A 230 5.66 -18.46 0.77
N ARG A 231 6.67 -18.64 -0.09
CA ARG A 231 6.52 -19.37 -1.35
C ARG A 231 6.09 -20.82 -1.11
N GLY A 232 6.65 -21.43 -0.05
CA GLY A 232 6.31 -22.79 0.32
C GLY A 232 4.92 -22.93 0.93
N GLY A 233 4.60 -22.04 1.86
CA GLY A 233 3.29 -22.08 2.53
C GLY A 233 3.00 -20.88 3.42
N THR A 234 2.11 -21.09 4.38
CA THR A 234 1.64 -20.02 5.26
C THR A 234 1.60 -20.49 6.72
N GLU A 235 2.09 -19.65 7.63
CA GLU A 235 1.93 -19.89 9.06
C GLU A 235 1.13 -18.76 9.72
N LYS A 236 0.18 -19.15 10.57
CA LYS A 236 -0.71 -18.21 11.23
C LYS A 236 -0.46 -18.16 12.74
N ILE A 237 -0.32 -16.95 13.26
CA ILE A 237 -0.09 -16.74 14.69
C ILE A 237 -1.22 -15.90 15.29
N LEU A 238 -1.86 -16.45 16.31
CA LEU A 238 -2.90 -15.75 17.05
C LEU A 238 -2.24 -15.01 18.21
N LEU A 239 -2.19 -13.69 18.11
CA LEU A 239 -1.56 -12.85 19.14
C LEU A 239 -2.39 -12.82 20.41
N GLU A 240 -1.71 -12.92 21.55
CA GLU A 240 -2.37 -13.14 22.85
C GLU A 240 -3.21 -11.96 23.37
N ASP A 241 -2.67 -10.75 23.29
CA ASP A 241 -3.34 -9.55 23.81
C ASP A 241 -2.99 -8.30 23.02
N ALA A 242 -3.63 -7.19 23.38
CA ALA A 242 -3.42 -5.88 22.74
C ALA A 242 -1.98 -5.39 22.88
N ALA A 243 -1.37 -5.67 24.04
CA ALA A 243 0.02 -5.30 24.31
C ALA A 243 0.98 -6.00 23.35
N ALA A 244 0.71 -7.28 23.04
CA ALA A 244 1.52 -8.05 22.11
C ALA A 244 1.35 -7.57 20.67
N VAL A 245 0.14 -7.10 20.35
CA VAL A 245 -0.16 -6.53 19.03
C VAL A 245 0.66 -5.27 18.78
N VAL A 246 0.76 -4.40 19.79
CA VAL A 246 1.54 -3.18 19.71
C VAL A 246 3.03 -3.49 19.55
N ASP A 247 3.53 -4.47 20.30
CA ASP A 247 4.91 -4.95 20.19
C ASP A 247 5.24 -5.40 18.77
N THR A 248 4.32 -6.16 18.16
CA THR A 248 4.46 -6.63 16.79
C THR A 248 4.52 -5.46 15.79
N LEU A 249 3.65 -4.47 15.99
CA LEU A 249 3.63 -3.27 15.15
C LEU A 249 4.94 -2.48 15.20
N GLY A 250 5.52 -2.41 16.39
CA GLY A 250 6.78 -1.69 16.60
C GLY A 250 8.01 -2.44 16.13
N ASP A 251 8.10 -3.72 16.48
CA ASP A 251 9.27 -4.55 16.16
C ASP A 251 9.20 -5.11 14.74
N ARG A 252 8.28 -6.03 14.50
CA ARG A 252 8.17 -6.73 13.22
C ARG A 252 7.86 -5.82 12.04
N PHE A 253 6.99 -4.83 12.26
CA PHE A 253 6.53 -3.95 11.19
C PHE A 253 7.29 -2.62 11.10
N GLY A 254 8.12 -2.35 12.10
CA GLY A 254 9.01 -1.19 12.11
C GLY A 254 8.33 0.17 12.19
N ILE A 255 7.16 0.20 12.84
CA ILE A 255 6.39 1.43 12.98
C ILE A 255 6.76 2.13 14.29
N ASN A 256 7.00 3.44 14.20
CA ASN A 256 7.20 4.27 15.38
C ASN A 256 5.86 4.47 16.09
N VAL A 257 5.52 3.52 16.97
CA VAL A 257 4.23 3.51 17.67
C VAL A 257 4.07 4.65 18.68
N ALA A 258 5.18 5.20 19.13
CA ALA A 258 5.19 6.32 20.07
C ALA A 258 4.61 7.61 19.45
N ASP A 259 4.70 7.71 18.12
CA ASP A 259 4.15 8.83 17.37
C ASP A 259 2.63 8.95 17.51
N VAL A 260 1.96 7.81 17.64
CA VAL A 260 0.49 7.75 17.77
C VAL A 260 0.01 8.46 19.05
N GLY A 261 0.80 8.35 20.11
CA GLY A 261 0.48 8.97 21.39
C GLY A 261 0.84 8.05 22.54
N GLU A 262 0.07 8.14 23.63
CA GLU A 262 0.24 7.26 24.78
C GLU A 262 -0.13 5.83 24.40
N ARG A 263 0.76 4.89 24.72
CA ARG A 263 0.59 3.48 24.35
C ARG A 263 -0.68 2.87 24.96
N GLY A 264 -1.04 3.32 26.16
CA GLY A 264 -2.26 2.88 26.84
C GLY A 264 -3.52 3.11 26.03
N ARG A 265 -3.58 4.24 25.33
CA ARG A 265 -4.73 4.60 24.50
C ARG A 265 -4.81 3.74 23.24
N LEU A 266 -3.66 3.44 22.64
CA LEU A 266 -3.59 2.58 21.46
C LEU A 266 -3.93 1.13 21.81
N GLU A 267 -3.41 0.65 22.94
CA GLU A 267 -3.71 -0.68 23.44
C GLU A 267 -5.20 -0.85 23.74
N ALA A 268 -5.80 0.16 24.39
CA ALA A 268 -7.22 0.14 24.73
C ALA A 268 -8.13 0.16 23.49
N ARG A 269 -7.68 0.88 22.46
CA ARG A 269 -8.42 0.92 21.19
C ARG A 269 -8.36 -0.43 20.48
N ILE A 270 -7.16 -1.04 20.47
CA ILE A 270 -6.96 -2.37 19.89
C ILE A 270 -7.73 -3.43 20.68
N ASP A 271 -7.76 -3.29 22.01
CA ASP A 271 -8.48 -4.22 22.88
C ASP A 271 -9.98 -4.21 22.62
N LYS A 272 -10.55 -3.02 22.47
CA LYS A 272 -11.99 -2.86 22.24
C LYS A 272 -12.43 -3.27 20.84
N VAL A 273 -11.51 -3.15 19.89
CA VAL A 273 -11.80 -3.38 18.47
C VAL A 273 -11.47 -4.81 18.01
N CYS A 274 -10.28 -5.29 18.38
CA CYS A 274 -9.80 -6.58 17.90
C CYS A 274 -10.11 -7.73 18.85
N PHE A 275 -10.31 -7.40 20.13
CA PHE A 275 -10.60 -8.38 21.16
C PHE A 275 -12.01 -8.21 21.70
#